data_3IEH
#
_entry.id   3IEH
#
_cell.length_a   80.958
_cell.length_b   80.958
_cell.length_c   87.940
_cell.angle_alpha   90.000
_cell.angle_beta   90.000
_cell.angle_gamma   120.000
#
_symmetry.space_group_name_H-M   'P 65'
#
loop_
_entity.id
_entity.type
_entity.pdbx_description
1 polymer 'Putative metallopeptidase'
2 non-polymer 'ZINC ION'
3 non-polymer 'UNKNOWN LIGAND'
4 non-polymer GLYCEROL
5 non-polymer DI(HYDROXYETHYL)ETHER
6 non-polymer 'TRIETHYLENE GLYCOL'
7 water water
#
_entity_poly.entity_id   1
_entity_poly.type   'polypeptide(L)'
_entity_poly.pdbx_seq_one_letter_code
;G(MSE)VSRSPFESFQWKSDIFNCESTDIDNFYLLLEQE(MSE)TRLG(MSE)VEKNLGEVGKYKVSLYQSPAAKSGLPS
LLISAGFHGEESAGPWGLLHFLSEASADLFERVNLSLLPLVNPTGFSRGHRFNKYGENPNRGFVFENGKPKANEHTSVEG
KLLLDHAQLLIAACRDGILTCHEDVLSREAYVYSFEPSQVPGRFSLDLRDTLGGYFPIAVDGEIDACPVKDGLIFNHFDT
SFEACLVRSGARVGACTETPALQNFDQRVLANSAA(MSE)THFLALCAPLCD
;
_entity_poly.pdbx_strand_id   A
#
loop_
_chem_comp.id
_chem_comp.type
_chem_comp.name
_chem_comp.formula
GOL non-polymer GLYCEROL 'C3 H8 O3'
PEG non-polymer DI(HYDROXYETHYL)ETHER 'C4 H10 O3'
PGE non-polymer 'TRIETHYLENE GLYCOL' 'C6 H14 O4'
UNL non-polymer 'UNKNOWN LIGAND' ?
ZN non-polymer 'ZINC ION' 'Zn 2'
#
# COMPACT_ATOMS: atom_id res chain seq x y z
N ARG A 5 17.79 0.04 -11.24
CA ARG A 5 17.66 1.53 -11.33
C ARG A 5 17.96 2.27 -10.01
N SER A 6 18.57 3.45 -10.11
CA SER A 6 18.96 4.23 -8.92
C SER A 6 17.72 4.57 -8.11
N PRO A 7 17.78 4.33 -6.77
CA PRO A 7 16.73 4.70 -5.82
C PRO A 7 16.57 6.24 -5.59
N PHE A 8 17.37 7.05 -6.26
CA PHE A 8 17.12 8.51 -6.34
C PHE A 8 16.71 8.98 -7.74
N GLU A 9 16.57 8.07 -8.70
CA GLU A 9 16.08 8.46 -10.01
C GLU A 9 14.61 8.88 -9.87
N SER A 10 14.30 10.00 -10.50
CA SER A 10 13.04 10.65 -10.38
C SER A 10 12.13 10.28 -11.54
N PHE A 11 10.92 9.83 -11.20
CA PHE A 11 9.89 9.45 -12.16
C PHE A 11 8.67 10.33 -11.96
N GLN A 12 8.17 10.88 -13.05
CA GLN A 12 7.04 11.77 -12.98
C GLN A 12 6.14 11.51 -14.18
N TRP A 13 4.83 11.47 -13.96
CA TRP A 13 3.83 11.23 -15.04
C TRP A 13 2.73 12.27 -14.99
N LYS A 14 2.08 12.50 -16.12
CA LYS A 14 0.92 13.39 -16.12
C LYS A 14 -0.31 12.51 -15.99
N SER A 15 -1.23 12.91 -15.14
CA SER A 15 -2.50 12.22 -14.96
C SER A 15 -3.59 13.11 -15.48
N ASP A 16 -4.40 12.65 -16.43
CA ASP A 16 -5.55 13.47 -16.81
C ASP A 16 -6.74 13.17 -15.94
N ILE A 17 -6.67 12.08 -15.17
CA ILE A 17 -7.72 11.83 -14.20
C ILE A 17 -7.71 12.95 -13.16
N PHE A 18 -6.52 13.32 -12.67
CA PHE A 18 -6.40 14.38 -11.65
C PHE A 18 -5.90 15.69 -12.24
N ASN A 19 -5.59 15.67 -13.53
CA ASN A 19 -5.12 16.86 -14.24
C ASN A 19 -3.93 17.51 -13.56
N CYS A 20 -2.96 16.69 -13.18
CA CYS A 20 -1.77 17.22 -12.53
C CYS A 20 -0.59 16.27 -12.71
N GLU A 21 0.57 16.65 -12.16
CA GLU A 21 1.77 15.78 -12.15
C GLU A 21 1.67 14.79 -10.99
N SER A 22 2.20 13.60 -11.18
CA SER A 22 2.16 12.57 -10.15
C SER A 22 2.91 12.96 -8.84
N THR A 23 3.88 13.88 -8.96
CA THR A 23 4.67 14.31 -7.82
C THR A 23 4.04 15.51 -7.11
N ASP A 24 2.92 16.01 -7.63
CA ASP A 24 2.25 17.16 -7.04
C ASP A 24 1.65 16.83 -5.66
N ILE A 25 2.51 16.75 -4.65
CA ILE A 25 2.11 16.36 -3.32
C ILE A 25 1.15 17.38 -2.64
N ASP A 26 1.26 18.66 -3.02
CA ASP A 26 0.38 19.71 -2.48
C ASP A 26 -1.06 19.42 -2.90
N ASN A 27 -1.23 19.19 -4.19
CA ASN A 27 -2.54 18.84 -4.70
C ASN A 27 -3.02 17.50 -4.13
N PHE A 28 -2.10 16.55 -3.98
CA PHE A 28 -2.42 15.24 -3.40
C PHE A 28 -3.09 15.41 -2.04
N TYR A 29 -2.44 16.17 -1.16
CA TYR A 29 -2.97 16.38 0.18
C TYR A 29 -4.26 17.19 0.26
N LEU A 30 -4.42 18.18 -0.62
CA LEU A 30 -5.66 18.95 -0.72
C LEU A 30 -6.85 18.04 -0.99
N LEU A 31 -6.72 17.15 -1.97
CA LEU A 31 -7.78 16.19 -2.31
C LEU A 31 -7.89 15.13 -1.19
N LEU A 32 -6.77 14.74 -0.59
CA LEU A 32 -6.82 13.76 0.45
C LEU A 32 -7.62 14.30 1.64
N GLU A 33 -7.27 15.50 2.10
CA GLU A 33 -8.02 16.16 3.15
C GLU A 33 -9.51 16.22 2.79
N GLN A 34 -9.85 16.65 1.57
CA GLN A 34 -11.28 16.80 1.24
C GLN A 34 -12.00 15.47 1.35
N GLU A 35 -11.39 14.42 0.81
CA GLU A 35 -12.02 13.08 0.87
C GLU A 35 -12.12 12.52 2.29
N MSE A 36 -11.10 12.74 3.12
CA MSE A 36 -11.07 12.29 4.50
C MSE A 36 -12.12 13.00 5.34
O MSE A 36 -12.73 12.38 6.20
CB MSE A 36 -9.70 12.57 5.14
CG MSE A 36 -8.50 11.84 4.54
SE MSE A 36 -8.62 9.91 4.68
CE MSE A 36 -10.06 9.63 3.46
N THR A 37 -12.27 14.32 5.10
CA THR A 37 -13.22 15.16 5.84
C THR A 37 -14.66 14.80 5.42
N ARG A 38 -14.87 14.55 4.13
CA ARG A 38 -16.18 14.14 3.63
C ARG A 38 -16.54 12.76 4.18
N LEU A 39 -15.56 11.87 4.36
CA LEU A 39 -15.86 10.54 4.86
C LEU A 39 -15.95 10.45 6.38
N GLY A 40 -15.51 11.47 7.10
CA GLY A 40 -15.58 11.42 8.57
C GLY A 40 -14.46 10.60 9.18
N MSE A 41 -13.38 10.41 8.44
CA MSE A 41 -12.24 9.63 8.94
C MSE A 41 -11.40 10.41 9.93
O MSE A 41 -11.24 11.62 9.82
CB MSE A 41 -11.42 9.12 7.78
CG MSE A 41 -12.23 8.16 6.96
SE MSE A 41 -11.17 7.07 5.86
CE MSE A 41 -10.34 5.93 7.20
N VAL A 42 -10.87 9.70 10.91
CA VAL A 42 -10.11 10.31 12.00
C VAL A 42 -8.64 10.16 11.66
N GLU A 43 -7.89 11.24 11.86
CA GLU A 43 -6.47 11.25 11.64
C GLU A 43 -5.74 10.87 12.92
N LYS A 44 -4.79 9.96 12.79
CA LYS A 44 -3.88 9.65 13.89
C LYS A 44 -2.46 9.85 13.37
N ASN A 45 -1.89 11.01 13.68
CA ASN A 45 -0.55 11.36 13.29
C ASN A 45 0.44 10.46 14.00
N LEU A 46 1.31 9.80 13.24
CA LEU A 46 2.32 8.91 13.83
C LEU A 46 3.65 9.66 14.06
N GLY A 47 3.83 10.74 13.31
CA GLY A 47 5.02 11.58 13.40
C GLY A 47 5.26 12.38 12.11
N GLU A 48 6.47 12.90 11.95
CA GLU A 48 6.80 13.70 10.78
C GLU A 48 8.12 13.23 10.14
N VAL A 49 8.28 13.55 8.85
CA VAL A 49 9.51 13.28 8.13
C VAL A 49 9.68 14.41 7.13
N GLY A 50 10.78 15.16 7.26
CA GLY A 50 10.99 16.34 6.45
C GLY A 50 9.81 17.30 6.36
N LYS A 51 9.20 17.62 7.48
CA LYS A 51 8.08 18.58 7.44
C LYS A 51 6.72 17.99 7.04
N TYR A 52 6.66 16.72 6.65
CA TYR A 52 5.38 16.14 6.27
C TYR A 52 4.94 15.25 7.39
N LYS A 53 3.65 15.25 7.72
CA LYS A 53 3.19 14.32 8.70
C LYS A 53 2.97 12.93 8.01
N VAL A 54 3.22 11.86 8.76
CA VAL A 54 2.91 10.52 8.32
C VAL A 54 1.77 10.08 9.24
N SER A 55 0.59 10.01 8.69
CA SER A 55 -0.63 9.76 9.45
C SER A 55 -1.40 8.54 9.01
N LEU A 56 -2.03 7.91 10.00
CA LEU A 56 -2.92 6.79 9.83
C LEU A 56 -4.30 7.38 9.88
N TYR A 57 -5.13 7.10 8.89
CA TYR A 57 -6.51 7.57 8.90
C TYR A 57 -7.45 6.40 9.20
N GLN A 58 -8.44 6.63 10.05
CA GLN A 58 -9.32 5.55 10.48
C GLN A 58 -10.80 5.92 10.42
N SER A 59 -11.62 4.97 10.05
CA SER A 59 -13.05 5.17 10.08
C SER A 59 -13.48 5.27 11.56
N PRO A 60 -14.40 6.19 11.86
CA PRO A 60 -14.79 6.40 13.25
C PRO A 60 -15.79 5.35 13.80
N ALA A 61 -15.66 5.02 15.09
CA ALA A 61 -16.60 4.13 15.79
C ALA A 61 -16.58 2.74 15.17
N ALA A 62 -15.40 2.12 15.25
CA ALA A 62 -15.17 0.79 14.77
C ALA A 62 -16.04 -0.18 15.53
N LYS A 63 -16.59 -1.16 14.82
CA LYS A 63 -17.40 -2.21 15.43
C LYS A 63 -16.72 -3.59 15.32
N SER A 64 -16.77 -4.36 16.40
CA SER A 64 -16.03 -5.61 16.43
C SER A 64 -16.66 -6.66 15.48
N GLY A 65 -17.93 -6.50 15.14
CA GLY A 65 -18.55 -7.41 14.17
C GLY A 65 -18.03 -7.24 12.76
N LEU A 66 -17.31 -6.16 12.48
CA LEU A 66 -16.77 -5.92 11.15
C LEU A 66 -15.29 -6.22 11.10
N PRO A 67 -14.77 -6.53 9.89
CA PRO A 67 -13.34 -6.78 9.78
C PRO A 67 -12.53 -5.47 9.82
N SER A 68 -11.33 -5.53 10.38
CA SER A 68 -10.47 -4.36 10.45
C SER A 68 -9.39 -4.59 9.42
N LEU A 69 -9.40 -3.71 8.42
CA LEU A 69 -8.59 -3.79 7.22
C LEU A 69 -7.77 -2.50 7.02
N LEU A 70 -6.52 -2.69 6.59
CA LEU A 70 -5.55 -1.62 6.39
C LEU A 70 -5.08 -1.59 4.95
N ILE A 71 -5.18 -0.42 4.30
CA ILE A 71 -4.59 -0.26 2.97
C ILE A 71 -3.49 0.80 3.09
N SER A 72 -2.31 0.48 2.60
CA SER A 72 -1.19 1.40 2.71
C SER A 72 -0.63 1.58 1.31
N ALA A 73 -0.10 2.75 1.03
CA ALA A 73 0.47 3.10 -0.26
C ALA A 73 1.62 4.05 -0.06
N GLY A 74 2.46 4.20 -1.06
CA GLY A 74 3.49 5.21 -1.07
C GLY A 74 4.71 4.99 -0.18
N PHE A 75 5.07 3.73 0.06
CA PHE A 75 6.34 3.42 0.71
C PHE A 75 7.48 3.83 -0.20
N HIS A 76 7.27 3.73 -1.51
CA HIS A 76 8.29 4.08 -2.48
C HIS A 76 7.79 5.21 -3.35
N GLY A 77 8.57 6.31 -3.40
CA GLY A 77 8.12 7.58 -3.98
C GLY A 77 7.88 7.60 -5.47
N GLU A 78 8.48 6.66 -6.20
CA GLU A 78 8.26 6.55 -7.65
C GLU A 78 7.00 5.74 -7.99
N GLU A 79 6.38 5.13 -7.00
CA GLU A 79 5.24 4.25 -7.21
C GLU A 79 3.97 5.01 -6.88
N SER A 80 3.80 6.13 -7.58
CA SER A 80 2.82 7.14 -7.22
C SER A 80 1.39 6.78 -7.63
N ALA A 81 1.21 5.80 -8.52
CA ALA A 81 -0.14 5.35 -8.85
C ALA A 81 -0.84 4.72 -7.62
N GLY A 82 -0.06 4.20 -6.66
CA GLY A 82 -0.66 3.70 -5.39
C GLY A 82 -1.47 4.75 -4.63
N PRO A 83 -0.80 5.80 -4.11
CA PRO A 83 -1.45 6.95 -3.46
C PRO A 83 -2.56 7.59 -4.31
N TRP A 84 -2.28 7.92 -5.58
CA TRP A 84 -3.33 8.54 -6.44
C TRP A 84 -4.47 7.56 -6.70
N GLY A 85 -4.12 6.28 -6.79
CA GLY A 85 -5.10 5.22 -6.87
C GLY A 85 -6.01 5.20 -5.65
N LEU A 86 -5.44 5.45 -4.48
CA LEU A 86 -6.22 5.53 -3.24
CA LEU A 86 -6.24 5.53 -3.24
C LEU A 86 -7.17 6.72 -3.28
N LEU A 87 -6.69 7.85 -3.82
CA LEU A 87 -7.56 9.02 -3.94
C LEU A 87 -8.72 8.70 -4.86
N HIS A 88 -8.44 8.03 -5.97
CA HIS A 88 -9.47 7.69 -6.92
C HIS A 88 -10.55 6.85 -6.24
N PHE A 89 -10.09 5.81 -5.55
CA PHE A 89 -10.97 4.92 -4.82
C PHE A 89 -11.85 5.65 -3.80
N LEU A 90 -11.27 6.59 -3.06
CA LEU A 90 -12.01 7.32 -2.04
C LEU A 90 -13.04 8.23 -2.66
N SER A 91 -12.70 8.83 -3.79
CA SER A 91 -13.59 9.74 -4.47
C SER A 91 -14.87 8.99 -4.84
N GLU A 92 -14.74 7.69 -5.09
CA GLU A 92 -15.87 6.86 -5.43
C GLU A 92 -16.56 6.20 -4.22
N ALA A 93 -16.14 6.54 -3.00
CA ALA A 93 -16.67 5.93 -1.79
C ALA A 93 -17.59 6.84 -0.99
N SER A 94 -18.49 6.23 -0.21
CA SER A 94 -19.37 6.95 0.73
C SER A 94 -19.13 6.43 2.15
N ALA A 95 -19.57 7.18 3.14
CA ALA A 95 -19.47 6.74 4.53
C ALA A 95 -20.24 5.42 4.74
N ASP A 96 -21.15 5.08 3.81
CA ASP A 96 -21.79 3.77 3.85
C ASP A 96 -20.75 2.65 3.88
N LEU A 97 -19.56 2.88 3.31
CA LEU A 97 -18.48 1.85 3.35
C LEU A 97 -18.19 1.37 4.79
N PHE A 98 -18.26 2.28 5.75
CA PHE A 98 -17.90 2.00 7.13
C PHE A 98 -18.91 1.16 7.89
N GLU A 99 -20.01 0.81 7.23
CA GLU A 99 -20.94 -0.12 7.79
C GLU A 99 -20.55 -1.57 7.40
N ARG A 100 -19.69 -1.71 6.40
CA ARG A 100 -19.24 -3.01 5.93
C ARG A 100 -17.85 -3.39 6.51
N VAL A 101 -17.03 -2.36 6.76
CA VAL A 101 -15.64 -2.52 7.22
C VAL A 101 -15.21 -1.39 8.16
N ASN A 102 -14.25 -1.72 9.03
CA ASN A 102 -13.55 -0.74 9.82
C ASN A 102 -12.24 -0.49 9.04
N LEU A 103 -12.22 0.57 8.22
CA LEU A 103 -11.08 0.86 7.34
C LEU A 103 -10.08 1.82 7.95
N SER A 104 -8.81 1.45 7.83
CA SER A 104 -7.69 2.27 8.26
C SER A 104 -6.85 2.48 7.02
N LEU A 105 -6.27 3.66 6.87
CA LEU A 105 -5.42 3.98 5.70
C LEU A 105 -4.06 4.59 6.09
N LEU A 106 -3.05 4.20 5.33
CA LEU A 106 -1.75 4.86 5.35
C LEU A 106 -1.57 5.35 3.91
N PRO A 107 -2.14 6.51 3.59
CA PRO A 107 -2.18 6.92 2.19
C PRO A 107 -0.84 7.27 1.53
N LEU A 108 0.16 7.69 2.32
CA LEU A 108 1.44 8.12 1.78
C LEU A 108 2.50 8.03 2.89
N VAL A 109 3.19 6.90 2.92
CA VAL A 109 4.20 6.64 3.94
C VAL A 109 5.53 7.41 3.73
N ASN A 110 5.87 7.72 2.47
CA ASN A 110 7.14 8.31 2.08
C ASN A 110 6.91 9.60 1.29
N PRO A 111 6.45 10.65 1.97
CA PRO A 111 6.18 11.92 1.26
C PRO A 111 7.40 12.58 0.64
N THR A 112 8.55 12.47 1.30
CA THR A 112 9.75 13.14 0.78
C THR A 112 10.19 12.51 -0.56
N GLY A 113 10.09 11.19 -0.68
CA GLY A 113 10.39 10.51 -1.94
C GLY A 113 9.35 10.81 -3.00
N PHE A 114 8.08 10.82 -2.58
CA PHE A 114 6.93 11.11 -3.45
C PHE A 114 6.96 12.48 -4.11
N SER A 115 7.39 13.51 -3.39
CA SER A 115 7.48 14.90 -3.97
C SER A 115 8.67 14.98 -4.91
N ARG A 116 9.64 14.10 -4.69
CA ARG A 116 10.79 14.03 -5.60
C ARG A 116 10.61 13.00 -6.73
N GLY A 117 9.59 12.17 -6.63
CA GLY A 117 9.37 11.11 -7.62
C GLY A 117 10.38 9.97 -7.51
N HIS A 118 11.02 9.80 -6.34
CA HIS A 118 11.98 8.71 -6.21
C HIS A 118 11.72 7.75 -5.05
N ARG A 119 12.24 6.55 -5.23
CA ARG A 119 11.99 5.42 -4.35
C ARG A 119 12.30 5.65 -2.89
N PHE A 120 13.52 6.05 -2.61
CA PHE A 120 13.92 6.32 -1.23
C PHE A 120 13.33 7.65 -0.73
N ASN A 121 13.29 7.79 0.59
CA ASN A 121 12.97 9.07 1.16
C ASN A 121 14.18 9.95 0.84
N LYS A 122 14.11 11.22 1.17
CA LYS A 122 15.24 12.09 0.85
C LYS A 122 16.49 11.80 1.67
N TYR A 123 16.42 11.00 2.73
CA TYR A 123 17.64 10.67 3.52
C TYR A 123 18.36 9.39 3.02
N GLY A 124 17.91 8.81 1.90
CA GLY A 124 18.53 7.61 1.35
C GLY A 124 18.10 6.32 2.07
N GLU A 125 16.95 6.34 2.72
CA GLU A 125 16.42 5.17 3.42
C GLU A 125 15.30 4.57 2.57
N ASN A 126 15.05 3.26 2.75
CA ASN A 126 13.97 2.53 2.09
C ASN A 126 12.88 2.26 3.11
N PRO A 127 11.78 3.04 3.04
CA PRO A 127 10.81 2.94 4.11
C PRO A 127 10.12 1.57 4.26
N ASN A 128 10.19 0.72 3.24
CA ASN A 128 9.53 -0.58 3.24
C ASN A 128 10.36 -1.73 3.80
N ARG A 129 11.57 -1.50 4.28
CA ARG A 129 12.36 -2.57 4.88
C ARG A 129 12.71 -2.28 6.36
N GLY A 130 13.42 -3.22 6.99
CA GLY A 130 13.78 -3.11 8.39
C GLY A 130 12.69 -3.46 9.39
N PHE A 131 11.60 -4.11 8.97
CA PHE A 131 10.62 -4.58 9.94
C PHE A 131 10.88 -6.05 10.24
N VAL A 132 11.66 -6.30 11.28
CA VAL A 132 12.05 -7.63 11.70
C VAL A 132 11.09 -8.16 12.78
N PHE A 133 10.85 -9.47 12.80
CA PHE A 133 9.94 -10.07 13.76
C PHE A 133 10.72 -10.96 14.71
N GLU A 134 11.17 -10.39 15.82
CA GLU A 134 11.99 -11.10 16.79
C GLU A 134 11.37 -11.24 18.18
N ASN A 135 11.47 -12.46 18.73
CA ASN A 135 11.00 -12.77 20.08
C ASN A 135 9.49 -12.56 20.15
N GLY A 136 8.80 -12.92 19.07
CA GLY A 136 7.36 -12.72 18.98
C GLY A 136 6.94 -11.27 18.90
N LYS A 137 7.88 -10.38 18.57
CA LYS A 137 7.62 -8.94 18.49
C LYS A 137 8.27 -8.22 17.30
N PRO A 138 7.52 -7.28 16.68
CA PRO A 138 8.11 -6.47 15.64
C PRO A 138 9.22 -5.56 16.20
N LYS A 139 10.30 -5.38 15.44
CA LYS A 139 11.50 -4.66 15.87
C LYS A 139 12.20 -3.97 14.66
N ALA A 140 13.06 -2.98 14.94
CA ALA A 140 13.85 -2.29 13.93
C ALA A 140 15.21 -2.96 13.77
N ASN A 141 15.86 -2.72 12.64
CA ASN A 141 17.26 -3.07 12.46
C ASN A 141 17.95 -1.82 11.87
N GLU A 142 19.17 -1.93 11.35
CA GLU A 142 19.89 -0.75 10.83
C GLU A 142 19.36 -0.21 9.51
N HIS A 143 18.43 -0.90 8.88
CA HIS A 143 17.83 -0.42 7.65
C HIS A 143 16.48 0.25 7.86
N THR A 144 15.90 0.16 9.05
CA THR A 144 14.57 0.75 9.29
C THR A 144 14.68 2.26 9.12
N SER A 145 13.82 2.83 8.29
CA SER A 145 13.84 4.26 8.00
C SER A 145 13.16 5.04 9.13
N VAL A 146 13.20 6.37 9.04
CA VAL A 146 12.45 7.24 9.95
C VAL A 146 10.97 6.84 9.97
N GLU A 147 10.40 6.66 8.79
CA GLU A 147 8.99 6.28 8.70
C GLU A 147 8.73 4.91 9.35
N GLY A 148 9.60 3.94 9.07
CA GLY A 148 9.44 2.60 9.63
C GLY A 148 9.46 2.65 11.14
N LYS A 149 10.37 3.44 11.69
CA LYS A 149 10.47 3.61 13.14
C LYS A 149 9.16 4.18 13.71
N LEU A 150 8.62 5.20 13.05
CA LEU A 150 7.34 5.74 13.42
C LEU A 150 6.22 4.67 13.37
N LEU A 151 6.27 3.78 12.35
CA LEU A 151 5.26 2.72 12.22
C LEU A 151 5.45 1.66 13.32
N LEU A 152 6.70 1.27 13.59
CA LEU A 152 7.00 0.29 14.64
C LEU A 152 6.61 0.81 16.01
N ASP A 153 6.89 2.10 16.27
CA ASP A 153 6.47 2.72 17.53
C ASP A 153 4.96 2.64 17.76
N HIS A 154 4.18 2.42 16.70
CA HIS A 154 2.73 2.26 16.80
C HIS A 154 2.28 0.85 16.36
N ALA A 155 3.13 -0.14 16.61
CA ALA A 155 2.87 -1.51 16.18
C ALA A 155 1.55 -2.05 16.68
N GLN A 156 1.15 -1.68 17.88
CA GLN A 156 -0.09 -2.25 18.41
C GLN A 156 -1.32 -1.67 17.69
N LEU A 157 -1.27 -0.36 17.44
CA LEU A 157 -2.31 0.30 16.71
C LEU A 157 -2.45 -0.29 15.30
N LEU A 158 -1.32 -0.56 14.65
CA LEU A 158 -1.36 -1.03 13.28
C LEU A 158 -1.81 -2.47 13.19
N ILE A 159 -1.38 -3.32 14.13
CA ILE A 159 -1.81 -4.73 14.12
C ILE A 159 -3.33 -4.77 14.28
N ALA A 160 -3.87 -4.09 15.30
CA ALA A 160 -5.32 -3.95 15.48
C ALA A 160 -6.02 -3.46 14.20
N ALA A 161 -5.42 -2.51 13.48
CA ALA A 161 -6.04 -1.96 12.25
C ALA A 161 -6.08 -2.94 11.07
N CYS A 162 -5.31 -4.01 11.14
CA CYS A 162 -5.21 -4.93 10.00
C CYS A 162 -5.33 -6.42 10.32
N ARG A 163 -5.92 -6.74 11.47
CA ARG A 163 -6.03 -8.15 11.88
C ARG A 163 -6.68 -9.04 10.83
N ASP A 164 -7.63 -8.47 10.10
CA ASP A 164 -8.40 -9.22 9.12
C ASP A 164 -7.90 -9.00 7.69
N GLY A 165 -6.87 -8.18 7.49
CA GLY A 165 -6.35 -8.00 6.16
C GLY A 165 -5.45 -6.80 6.03
N ILE A 166 -4.35 -6.97 5.31
CA ILE A 166 -3.43 -5.89 5.02
C ILE A 166 -3.22 -5.89 3.50
N LEU A 167 -3.50 -4.77 2.85
CA LEU A 167 -3.16 -4.60 1.44
C LEU A 167 -2.18 -3.46 1.39
N THR A 168 -1.10 -3.65 0.67
CA THR A 168 -0.18 -2.56 0.41
C THR A 168 -0.05 -2.42 -1.12
N CYS A 169 -0.17 -1.19 -1.63
CA CYS A 169 -0.18 -0.95 -3.07
C CYS A 169 1.13 -0.37 -3.62
N HIS A 170 1.89 -1.22 -4.29
CA HIS A 170 3.19 -0.84 -4.82
C HIS A 170 3.17 -0.83 -6.32
N GLU A 171 4.24 -0.33 -6.89
CA GLU A 171 4.43 -0.37 -8.34
C GLU A 171 5.86 -0.81 -8.65
N ASP A 172 6.05 -1.36 -9.83
CA ASP A 172 7.37 -1.84 -10.26
C ASP A 172 7.74 -1.05 -11.54
N VAL A 173 8.70 -0.12 -11.39
CA VAL A 173 9.18 0.73 -12.50
C VAL A 173 10.02 -0.04 -13.54
N LEU A 174 10.46 -1.24 -13.20
CA LEU A 174 11.17 -2.07 -14.15
C LEU A 174 10.26 -3.04 -14.89
N SER A 175 8.95 -2.95 -14.68
CA SER A 175 8.04 -3.94 -15.26
C SER A 175 6.91 -3.37 -16.11
N ARG A 176 6.59 -4.10 -17.18
CA ARG A 176 5.38 -3.82 -17.96
C ARG A 176 4.23 -4.81 -17.62
N GLU A 177 4.50 -5.74 -16.69
CA GLU A 177 3.59 -6.83 -16.33
C GLU A 177 3.18 -6.74 -14.86
N ALA A 178 1.92 -6.96 -14.55
CA ALA A 178 1.46 -6.87 -13.15
C ALA A 178 1.78 -8.15 -12.35
N TYR A 179 1.84 -8.02 -11.03
CA TYR A 179 1.95 -9.19 -10.17
C TYR A 179 1.58 -8.82 -8.76
N VAL A 180 1.47 -9.82 -7.90
CA VAL A 180 1.03 -9.61 -6.53
C VAL A 180 1.69 -10.61 -5.59
N TYR A 181 2.18 -10.12 -4.45
CA TYR A 181 2.70 -10.93 -3.37
C TYR A 181 1.52 -11.15 -2.46
N SER A 182 1.21 -12.38 -2.09
CA SER A 182 0.10 -12.62 -1.14
C SER A 182 0.51 -13.53 0.01
N PHE A 183 -0.28 -13.47 1.08
CA PHE A 183 -0.08 -14.25 2.29
C PHE A 183 -1.43 -14.81 2.71
N GLU A 184 -1.51 -16.15 2.76
CA GLU A 184 -2.73 -16.82 3.23
C GLU A 184 -2.28 -18.00 4.06
N PRO A 185 -3.05 -18.34 5.10
CA PRO A 185 -2.70 -19.43 5.98
C PRO A 185 -3.00 -20.80 5.32
N SER A 186 -2.31 -21.07 4.22
CA SER A 186 -2.56 -22.24 3.40
C SER A 186 -1.32 -22.59 2.58
N GLN A 187 -1.13 -23.86 2.27
CA GLN A 187 0.04 -24.23 1.44
C GLN A 187 -0.21 -23.82 -0.03
N VAL A 188 -1.49 -23.68 -0.42
CA VAL A 188 -1.88 -23.31 -1.80
C VAL A 188 -2.70 -21.97 -1.80
N PRO A 189 -2.45 -21.09 -2.80
CA PRO A 189 -3.24 -19.87 -2.92
C PRO A 189 -4.74 -20.18 -3.04
N GLY A 190 -5.57 -19.28 -2.53
CA GLY A 190 -7.00 -19.42 -2.65
C GLY A 190 -7.59 -18.24 -3.40
N ARG A 191 -8.89 -18.04 -3.19
CA ARG A 191 -9.63 -16.98 -3.89
C ARG A 191 -9.07 -15.56 -3.66
N PHE A 192 -8.67 -15.28 -2.43
CA PHE A 192 -8.06 -14.00 -2.09
C PHE A 192 -6.91 -13.63 -3.08
N SER A 193 -5.91 -14.50 -3.14
CA SER A 193 -4.74 -14.37 -3.99
C SER A 193 -5.15 -14.32 -5.46
N LEU A 194 -5.95 -15.29 -5.89
CA LEU A 194 -6.31 -15.41 -7.31
C LEU A 194 -7.19 -14.27 -7.82
N ASP A 195 -8.04 -13.71 -6.96
CA ASP A 195 -8.91 -12.62 -7.38
C ASP A 195 -8.13 -11.34 -7.56
N LEU A 196 -7.19 -11.07 -6.66
CA LEU A 196 -6.34 -9.88 -6.80
C LEU A 196 -5.50 -9.96 -8.07
N ARG A 197 -4.89 -11.13 -8.28
CA ARG A 197 -4.09 -11.39 -9.48
C ARG A 197 -4.94 -11.13 -10.74
N ASP A 198 -6.15 -11.70 -10.77
CA ASP A 198 -7.09 -11.48 -11.89
C ASP A 198 -7.52 -10.02 -12.07
N THR A 199 -7.73 -9.30 -10.98
CA THR A 199 -8.12 -7.88 -11.06
C THR A 199 -7.04 -7.08 -11.80
N LEU A 200 -5.79 -7.27 -11.41
CA LEU A 200 -4.68 -6.60 -12.10
C LEU A 200 -4.59 -7.08 -13.56
N GLY A 201 -4.82 -8.39 -13.74
CA GLY A 201 -4.82 -9.01 -15.05
C GLY A 201 -5.85 -8.39 -15.97
N GLY A 202 -6.88 -7.76 -15.41
CA GLY A 202 -7.87 -7.06 -16.22
C GLY A 202 -7.38 -5.73 -16.79
N TYR A 203 -6.31 -5.18 -16.24
CA TYR A 203 -5.72 -3.94 -16.74
C TYR A 203 -4.41 -4.14 -17.45
N PHE A 204 -3.66 -5.18 -17.05
CA PHE A 204 -2.31 -5.36 -17.58
C PHE A 204 -2.01 -6.80 -17.92
N PRO A 205 -0.98 -7.01 -18.75
CA PRO A 205 -0.51 -8.39 -18.86
C PRO A 205 0.11 -8.82 -17.50
N ILE A 206 0.12 -10.11 -17.23
CA ILE A 206 0.57 -10.68 -15.96
C ILE A 206 2.02 -11.19 -16.00
N ALA A 207 2.73 -11.14 -14.88
CA ALA A 207 4.09 -11.68 -14.81
C ALA A 207 3.99 -13.21 -14.80
N VAL A 208 3.93 -13.79 -16.00
CA VAL A 208 3.70 -15.24 -16.13
C VAL A 208 4.78 -16.03 -15.41
N ASP A 209 6.00 -15.53 -15.45
CA ASP A 209 7.12 -16.19 -14.82
C ASP A 209 8.25 -15.22 -14.60
N GLY A 210 9.33 -15.71 -14.02
CA GLY A 210 10.53 -14.94 -13.72
C GLY A 210 10.80 -15.09 -12.24
N GLU A 211 11.63 -14.20 -11.73
CA GLU A 211 11.81 -14.08 -10.30
C GLU A 211 11.97 -12.61 -9.96
N ILE A 212 11.32 -12.17 -8.90
CA ILE A 212 11.55 -10.82 -8.36
C ILE A 212 12.40 -11.13 -7.11
N ASP A 213 13.66 -10.65 -7.11
CA ASP A 213 14.67 -11.03 -6.09
C ASP A 213 15.00 -12.53 -6.29
N ALA A 214 15.22 -13.29 -5.22
CA ALA A 214 15.40 -14.73 -5.39
C ALA A 214 14.04 -15.39 -5.42
N CYS A 215 12.98 -14.58 -5.60
CA CYS A 215 11.59 -15.05 -5.57
C CYS A 215 10.91 -15.34 -6.90
N PRO A 216 10.56 -16.60 -7.13
CA PRO A 216 9.86 -16.92 -8.37
C PRO A 216 8.40 -16.41 -8.37
N VAL A 217 8.00 -15.82 -9.48
CA VAL A 217 6.63 -15.43 -9.70
C VAL A 217 6.10 -16.48 -10.67
N LYS A 218 4.90 -16.98 -10.41
CA LYS A 218 4.24 -17.90 -11.32
C LYS A 218 2.84 -17.37 -11.55
N ASP A 219 2.54 -17.07 -12.80
CA ASP A 219 1.21 -16.57 -13.19
C ASP A 219 0.77 -15.36 -12.40
N GLY A 220 1.71 -14.43 -12.20
CA GLY A 220 1.43 -13.19 -11.52
C GLY A 220 1.39 -13.25 -10.00
N LEU A 221 1.79 -14.38 -9.43
CA LEU A 221 1.65 -14.58 -7.99
C LEU A 221 2.96 -14.95 -7.33
N ILE A 222 3.26 -14.32 -6.21
CA ILE A 222 4.34 -14.72 -5.30
C ILE A 222 3.61 -14.97 -3.99
N PHE A 223 3.64 -16.21 -3.52
CA PHE A 223 2.83 -16.68 -2.39
C PHE A 223 3.66 -17.02 -1.15
N ASN A 224 3.26 -16.43 -0.01
CA ASN A 224 3.87 -16.67 1.30
C ASN A 224 5.40 -16.54 1.30
N HIS A 225 5.87 -15.45 0.71
CA HIS A 225 7.28 -15.14 0.73
C HIS A 225 7.51 -14.11 1.81
N PHE A 226 8.24 -14.49 2.85
CA PHE A 226 8.50 -13.60 3.99
C PHE A 226 9.85 -12.93 3.90
N ASP A 227 9.84 -11.61 4.06
CA ASP A 227 11.01 -10.76 4.03
C ASP A 227 10.87 -9.81 5.24
N THR A 228 11.66 -8.74 5.28
CA THR A 228 11.63 -7.74 6.34
C THR A 228 10.79 -6.53 5.94
N SER A 229 9.84 -6.74 5.04
CA SER A 229 8.91 -5.68 4.60
C SER A 229 7.78 -5.45 5.61
N PHE A 230 7.17 -4.29 5.52
CA PHE A 230 6.08 -3.90 6.41
C PHE A 230 4.95 -4.96 6.41
N GLU A 231 4.54 -5.37 5.21
CA GLU A 231 3.48 -6.37 5.01
C GLU A 231 3.83 -7.72 5.66
N ALA A 232 5.00 -8.28 5.32
CA ALA A 232 5.38 -9.62 5.88
C ALA A 232 5.40 -9.56 7.40
N CYS A 233 5.92 -8.46 7.91
CA CYS A 233 6.02 -8.26 9.34
C CYS A 233 4.64 -8.22 10.03
N LEU A 234 3.69 -7.51 9.43
CA LEU A 234 2.33 -7.41 9.95
C LEU A 234 1.62 -8.75 9.84
N VAL A 235 1.86 -9.50 8.76
CA VAL A 235 1.28 -10.84 8.67
C VAL A 235 1.87 -11.74 9.79
N ARG A 236 3.19 -11.73 9.99
CA ARG A 236 3.78 -12.51 11.08
C ARG A 236 3.21 -12.00 12.41
N SER A 237 2.97 -10.68 12.55
CA SER A 237 2.40 -10.12 13.79
C SER A 237 0.93 -10.47 14.03
N GLY A 238 0.24 -10.97 13.02
CA GLY A 238 -1.14 -11.40 13.20
C GLY A 238 -2.12 -11.07 12.11
N ALA A 239 -1.70 -10.34 11.06
CA ALA A 239 -2.59 -10.01 9.92
C ALA A 239 -2.91 -11.32 9.21
N ARG A 240 -4.22 -11.63 9.16
CA ARG A 240 -4.70 -12.95 8.71
C ARG A 240 -4.42 -13.25 7.26
N VAL A 241 -4.54 -12.22 6.42
CA VAL A 241 -4.17 -12.26 5.02
C VAL A 241 -3.50 -10.93 4.68
N GLY A 242 -2.61 -10.98 3.71
CA GLY A 242 -1.92 -9.80 3.23
C GLY A 242 -1.70 -9.92 1.73
N ALA A 243 -1.65 -8.79 1.05
CA ALA A 243 -1.31 -8.73 -0.36
C ALA A 243 -0.50 -7.46 -0.60
N CYS A 244 0.54 -7.58 -1.41
CA CYS A 244 1.27 -6.43 -1.90
C CYS A 244 1.15 -6.44 -3.41
N THR A 245 0.28 -5.62 -3.96
CA THR A 245 0.06 -5.60 -5.40
C THR A 245 1.16 -4.77 -6.06
N GLU A 246 1.54 -5.18 -7.26
CA GLU A 246 2.56 -4.47 -8.02
C GLU A 246 2.02 -4.19 -9.42
N THR A 247 1.57 -2.96 -9.65
CA THR A 247 1.19 -2.53 -10.99
C THR A 247 2.47 -2.11 -11.76
N PRO A 248 2.47 -2.32 -13.06
CA PRO A 248 3.68 -2.03 -13.83
C PRO A 248 3.82 -0.56 -14.20
N ALA A 249 4.89 0.07 -13.72
CA ALA A 249 5.06 1.51 -13.87
C ALA A 249 5.60 1.93 -15.25
N LEU A 250 5.80 0.95 -16.13
CA LEU A 250 6.13 1.20 -17.56
C LEU A 250 4.86 1.37 -18.40
N GLN A 251 3.70 1.12 -17.80
CA GLN A 251 2.42 1.33 -18.47
C GLN A 251 1.91 2.73 -18.15
N ASN A 252 0.81 3.08 -18.81
CA ASN A 252 0.12 4.35 -18.64
C ASN A 252 -0.30 4.64 -17.19
N PHE A 253 0.04 5.85 -16.75
CA PHE A 253 -0.16 6.25 -15.38
C PHE A 253 -1.65 6.13 -14.93
N ASP A 254 -2.60 6.68 -15.69
CA ASP A 254 -4.02 6.60 -15.29
C ASP A 254 -4.59 5.17 -15.26
N GLN A 255 -4.07 4.30 -16.11
CA GLN A 255 -4.44 2.89 -16.06
C GLN A 255 -3.98 2.28 -14.74
N ARG A 256 -2.81 2.72 -14.27
CA ARG A 256 -2.27 2.24 -13.00
C ARG A 256 -3.11 2.75 -11.84
N VAL A 257 -3.49 4.03 -11.90
CA VAL A 257 -4.36 4.63 -10.90
C VAL A 257 -5.65 3.80 -10.80
N LEU A 258 -6.27 3.52 -11.95
CA LEU A 258 -7.53 2.75 -11.99
C LEU A 258 -7.34 1.32 -11.55
N ALA A 259 -6.21 0.73 -11.91
CA ALA A 259 -5.88 -0.65 -11.47
C ALA A 259 -5.71 -0.74 -9.96
N ASN A 260 -5.02 0.25 -9.40
CA ASN A 260 -4.80 0.34 -7.96
C ASN A 260 -6.12 0.53 -7.23
N SER A 261 -7.01 1.34 -7.80
CA SER A 261 -8.35 1.55 -7.25
C SER A 261 -9.19 0.25 -7.31
N ALA A 262 -9.06 -0.49 -8.40
CA ALA A 262 -9.79 -1.73 -8.56
C ALA A 262 -9.30 -2.76 -7.53
N ALA A 263 -7.99 -2.86 -7.34
CA ALA A 263 -7.40 -3.80 -6.39
C ALA A 263 -7.83 -3.53 -4.96
N MSE A 264 -7.86 -2.26 -4.57
CA MSE A 264 -8.38 -1.87 -3.26
C MSE A 264 -9.85 -2.24 -3.10
O MSE A 264 -10.26 -2.72 -2.04
CB MSE A 264 -8.23 -0.37 -3.07
CG MSE A 264 -6.80 0.04 -2.87
SE MSE A 264 -6.55 1.93 -3.10
CE MSE A 264 -4.70 1.76 -3.52
N THR A 265 -10.65 -2.04 -4.15
CA THR A 265 -12.04 -2.41 -4.12
C THR A 265 -12.23 -3.90 -3.94
N HIS A 266 -11.50 -4.66 -4.75
CA HIS A 266 -11.56 -6.11 -4.67
C HIS A 266 -11.03 -6.63 -3.33
N PHE A 267 -9.97 -6.03 -2.81
CA PHE A 267 -9.42 -6.38 -1.52
C PHE A 267 -10.51 -6.30 -0.44
N LEU A 268 -11.20 -5.16 -0.39
CA LEU A 268 -12.32 -4.95 0.54
C LEU A 268 -13.49 -5.94 0.37
N ALA A 269 -13.86 -6.23 -0.88
CA ALA A 269 -14.92 -7.22 -1.18
C ALA A 269 -14.48 -8.63 -0.74
N LEU A 270 -13.26 -9.02 -1.07
CA LEU A 270 -12.74 -10.31 -0.63
C LEU A 270 -12.69 -10.44 0.91
N CYS A 271 -12.35 -9.37 1.60
CA CYS A 271 -12.19 -9.41 3.05
C CYS A 271 -13.41 -9.03 3.85
N ALA A 272 -14.49 -8.66 3.16
CA ALA A 272 -15.76 -8.33 3.80
C ALA A 272 -16.83 -9.32 3.33
ZN ZN B . 7.64 -0.70 -3.93
O1 UNL C . 7.86 -6.66 -0.67
O2 UNL C . 7.23 -9.47 -0.02
O3 UNL C . 9.66 -5.08 -1.74
O4 UNL C . 8.79 -3.72 -1.58
O5 UNL C . 5.97 -8.17 0.25
C1 GOL D . 14.66 17.66 6.58
O1 GOL D . 15.66 16.70 6.82
C2 GOL D . 14.37 18.36 7.89
O2 GOL D . 15.44 19.21 8.25
C3 GOL D . 13.11 19.19 7.78
O3 GOL D . 12.99 19.75 6.48
C1 GOL E . 0.75 1.76 19.27
O1 GOL E . -0.25 1.15 20.02
C2 GOL E . 1.16 3.00 20.06
O2 GOL E . 2.02 2.71 21.15
C3 GOL E . -0.11 3.69 20.54
O3 GOL E . -1.09 3.49 19.55
C1 GOL F . -11.67 -9.88 -11.89
O1 GOL F . -11.35 -8.63 -12.49
C2 GOL F . -12.95 -9.66 -11.11
O2 GOL F . -13.10 -10.59 -10.06
C3 GOL F . -14.16 -9.68 -12.03
O3 GOL F . -15.05 -8.67 -11.62
C1 GOL G . -11.62 1.25 -10.20
O1 GOL G . -12.44 1.05 -9.06
C2 GOL G . -12.45 1.20 -11.47
O2 GOL G . -13.34 2.28 -11.49
C3 GOL G . -11.54 1.35 -12.69
O3 GOL G . -12.10 0.74 -13.84
C1 GOL H . 0.48 -17.39 7.54
O1 GOL H . 0.99 -17.27 6.22
C2 GOL H . -0.76 -16.50 7.74
O2 GOL H . -1.20 -16.00 6.50
C3 GOL H . -0.54 -15.31 8.68
O3 GOL H . -1.24 -15.46 9.91
C1 GOL I . 10.78 -12.48 10.01
O1 GOL I . 11.89 -11.67 10.36
C2 GOL I . 9.63 -11.59 9.52
O2 GOL I . 9.08 -12.08 8.32
C3 GOL I . 10.11 -10.17 9.31
O3 GOL I . 9.02 -9.34 8.99
C1 PEG J . 2.23 -20.12 -6.11
O1 PEG J . 2.36 -21.25 -5.24
C2 PEG J . 1.37 -20.58 -7.27
O2 PEG J . 0.91 -19.47 -8.05
C3 PEG J . 0.29 -19.88 -9.27
C4 PEG J . -1.21 -20.01 -9.09
O4 PEG J . -1.48 -21.28 -8.48
C1 PEG K . -0.64 19.51 -16.36
O1 PEG K . 0.78 19.45 -16.55
C2 PEG K . -1.09 18.25 -15.66
O2 PEG K . -1.08 17.11 -16.53
C3 PEG K . -2.28 16.99 -17.30
C4 PEG K . -2.10 15.98 -18.43
O4 PEG K . -3.15 16.11 -19.39
C1 PEG L . 11.74 16.31 -10.60
O1 PEG L . 11.69 16.36 -12.03
C2 PEG L . 10.35 16.13 -9.98
O2 PEG L . 10.20 17.04 -8.88
C3 PEG L . 9.01 17.84 -8.98
C4 PEG L . 8.99 18.93 -7.90
O4 PEG L . 9.75 20.08 -8.31
C1 PGE M . 4.49 5.77 -19.36
O1 PGE M . 3.74 4.99 -20.30
C2 PGE M . 5.52 4.86 -18.71
O2 PGE M . 6.76 5.54 -18.66
C3 PGE M . 7.69 4.96 -17.72
C4 PGE M . 8.99 5.80 -17.65
O4 PGE M . 9.44 10.20 -15.72
C6 PGE M . 8.84 9.47 -16.80
C5 PGE M . 8.96 7.97 -16.55
O3 PGE M . 8.68 7.21 -17.75
C1 PGE N . 10.66 -4.47 -20.26
O1 PGE N . 11.72 -4.43 -19.28
C2 PGE N . 11.00 -3.49 -21.39
O2 PGE N . 9.87 -3.25 -22.25
C3 PGE N . 9.01 -2.20 -21.79
C4 PGE N . 8.09 -1.67 -22.88
O4 PGE N . 3.60 -2.08 -23.60
C6 PGE N . 4.42 -1.31 -22.71
C5 PGE N . 5.81 -1.08 -23.30
O3 PGE N . 6.83 -1.27 -22.32
#